data_6QTX
#
_entry.id   6QTX
#
_cell.length_a   48.465
_cell.length_b   55.127
_cell.length_c   103.538
_cell.angle_alpha   90.000
_cell.angle_beta   90.000
_cell.angle_gamma   90.000
#
_symmetry.space_group_name_H-M   'P 21 21 21'
#
loop_
_entity.id
_entity.type
_entity.pdbx_description
1 polymer 'E3 ubiquitin-protein ligase COP1'
2 polymer 'Zinc finger protein CONSTANS-LIKE 3'
3 non-polymer 'SULFATE ION'
4 non-polymer GLYCEROL
5 water water
#
loop_
_entity_poly.entity_id
_entity_poly.type
_entity_poly.pdbx_seq_one_letter_code
_entity_poly.pdbx_strand_id
1 'polypeptide(L)'
;GAMTFTRYSRLRVIAEIRHGDIFHSANIVSSIEFDRDDELFATAGVSRCIKVFDFSSVVNEPADMQCPIVEMSTRSKLSC
LSWNKHEKNHIASSDYEGIVTVWDVTTRQSLMEYEEHEKRAWSVDFSRTEPSMLVSGSDDCKVKVW(CSO)TRQEASVIN
IDMKANIC(CSO)VKYNPGSSNYIAVGSADHHIHYYDLRNISQPLHVFSGHKKAVSYVKFLSNNELASASTDSTLRLWDV
KDNLPVRTFRGHTNEKNFVGLTVNSEYLACGSETNEVYVYHKEITRPVTSHRFGSPDMDDAEEEAGSYFISAVCWKSDSP
TMLTANSQGTIKVLVLAA
;
A
2 'polypeptide(L)' (ACE)GFGVVPSFY B
#
# COMPACT_ATOMS: atom_id res chain seq x y z
N THR A 6 -1.92 -4.57 -24.83
CA THR A 6 -1.52 -5.43 -25.94
C THR A 6 -0.03 -5.23 -26.23
N ARG A 7 0.48 -4.11 -25.76
CA ARG A 7 1.87 -3.74 -26.00
C ARG A 7 2.84 -4.48 -25.09
N TYR A 8 2.35 -5.17 -24.06
CA TYR A 8 3.23 -5.89 -23.14
C TYR A 8 2.79 -7.34 -22.98
N SER A 9 3.75 -8.23 -22.87
CA SER A 9 3.47 -9.63 -22.60
C SER A 9 4.30 -10.20 -21.46
N ARG A 10 5.29 -9.47 -20.96
CA ARG A 10 6.18 -10.01 -19.96
C ARG A 10 6.60 -8.88 -19.01
N LEU A 11 7.18 -9.30 -17.90
CA LEU A 11 7.85 -8.41 -16.95
C LEU A 11 9.33 -8.77 -16.93
N ARG A 12 10.18 -7.81 -17.23
CA ARG A 12 11.62 -8.02 -17.24
C ARG A 12 12.22 -7.59 -15.91
N VAL A 13 13.14 -8.39 -15.38
CA VAL A 13 13.91 -8.01 -14.20
C VAL A 13 15.08 -7.17 -14.68
N ILE A 14 15.17 -5.94 -14.17
CA ILE A 14 16.29 -5.09 -14.55
C ILE A 14 17.27 -4.85 -13.41
N ALA A 15 16.91 -5.21 -12.18
CA ALA A 15 17.79 -5.04 -11.04
C ALA A 15 17.21 -5.82 -9.87
N GLU A 16 18.10 -6.15 -8.94
CA GLU A 16 17.74 -6.99 -7.83
C GLU A 16 18.58 -6.60 -6.62
N ILE A 17 17.96 -6.64 -5.44
CA ILE A 17 18.67 -6.52 -4.16
C ILE A 17 18.34 -7.80 -3.39
N ARG A 18 19.32 -8.67 -3.23
CA ARG A 18 19.04 -9.94 -2.53
C ARG A 18 18.99 -9.69 -1.04
N ASN A 27 12.87 -10.36 7.44
CA ASN A 27 12.77 -10.92 6.10
C ASN A 27 11.62 -10.22 5.30
N ILE A 28 10.37 -10.49 5.63
CA ILE A 28 9.26 -9.97 4.83
C ILE A 28 9.30 -8.44 4.78
N VAL A 29 9.17 -7.90 3.57
CA VAL A 29 8.99 -6.47 3.34
C VAL A 29 7.49 -6.23 3.12
N SER A 30 6.85 -5.49 4.02
CA SER A 30 5.42 -5.22 3.85
C SER A 30 5.13 -3.92 3.10
N SER A 31 6.14 -3.10 2.87
CA SER A 31 5.90 -1.83 2.20
C SER A 31 7.14 -1.45 1.40
N ILE A 32 6.92 -1.02 0.16
CA ILE A 32 7.98 -0.47 -0.67
C ILE A 32 7.34 0.70 -1.42
N GLU A 33 7.93 1.90 -1.27
CA GLU A 33 7.31 3.14 -1.74
C GLU A 33 8.34 4.12 -2.26
N PHE A 34 8.02 4.76 -3.39
CA PHE A 34 8.82 5.82 -3.97
C PHE A 34 8.55 7.15 -3.28
N ASP A 35 9.57 8.00 -3.21
CA ASP A 35 9.32 9.34 -2.71
C ASP A 35 8.59 10.16 -3.77
N ARG A 36 8.39 11.44 -3.46
CA ARG A 36 7.56 12.33 -4.27
C ARG A 36 8.02 12.39 -5.73
N ASP A 37 9.33 12.44 -5.97
CA ASP A 37 9.90 12.59 -7.30
C ASP A 37 10.36 11.27 -7.93
N ASP A 38 9.98 10.14 -7.34
CA ASP A 38 10.39 8.82 -7.82
C ASP A 38 11.92 8.69 -7.92
N GLU A 39 12.66 9.37 -7.03
CA GLU A 39 14.11 9.30 -7.01
CA GLU A 39 14.11 9.30 -7.01
C GLU A 39 14.65 8.34 -5.96
N LEU A 40 14.03 8.30 -4.79
CA LEU A 40 14.36 7.38 -3.72
C LEU A 40 13.17 6.46 -3.48
N PHE A 41 13.45 5.27 -2.95
CA PHE A 41 12.40 4.41 -2.46
C PHE A 41 12.79 3.87 -1.09
N ALA A 42 11.76 3.51 -0.32
CA ALA A 42 11.95 3.05 1.04
C ALA A 42 11.28 1.69 1.22
N THR A 43 11.89 0.86 2.07
CA THR A 43 11.33 -0.44 2.39
C THR A 43 11.18 -0.55 3.90
N ALA A 44 10.22 -1.36 4.32
CA ALA A 44 10.02 -1.63 5.74
C ALA A 44 9.28 -2.93 5.91
N GLY A 45 9.51 -3.58 7.05
CA GLY A 45 8.70 -4.70 7.47
C GLY A 45 9.12 -5.33 8.79
N VAL A 46 9.34 -6.64 8.75
CA VAL A 46 9.51 -7.40 9.97
C VAL A 46 10.84 -7.08 10.67
N SER A 47 11.80 -6.51 9.96
CA SER A 47 13.13 -6.32 10.53
C SER A 47 13.26 -5.04 11.33
N ARG A 48 12.20 -4.24 11.44
CA ARG A 48 12.22 -3.06 12.32
C ARG A 48 13.28 -2.07 11.84
N CYS A 49 13.33 -1.88 10.53
CA CYS A 49 14.34 -1.03 9.92
C CYS A 49 13.73 -0.41 8.66
N ILE A 50 13.63 0.92 8.65
CA ILE A 50 13.23 1.63 7.43
C ILE A 50 14.49 1.92 6.63
N LYS A 51 14.59 1.34 5.44
CA LYS A 51 15.74 1.52 4.58
C LYS A 51 15.36 2.38 3.38
N VAL A 52 16.20 3.35 3.06
CA VAL A 52 16.00 4.21 1.91
C VAL A 52 17.10 3.95 0.88
N PHE A 53 16.69 3.75 -0.37
CA PHE A 53 17.59 3.47 -1.47
C PHE A 53 17.43 4.54 -2.55
N ASP A 54 18.51 4.76 -3.30
CA ASP A 54 18.52 5.60 -4.48
C ASP A 54 18.17 4.74 -5.70
N PHE A 55 17.06 5.07 -6.36
CA PHE A 55 16.58 4.22 -7.45
C PHE A 55 17.61 4.09 -8.56
N SER A 56 18.17 5.22 -9.00
CA SER A 56 19.13 5.18 -10.09
C SER A 56 20.34 4.33 -9.73
N SER A 57 20.88 4.51 -8.51
CA SER A 57 21.98 3.65 -8.09
C SER A 57 21.61 2.19 -8.21
N VAL A 58 20.41 1.83 -7.76
CA VAL A 58 19.99 0.43 -7.73
C VAL A 58 19.96 -0.15 -9.13
N VAL A 59 19.46 0.63 -10.08
CA VAL A 59 19.34 0.17 -11.47
C VAL A 59 20.71 0.07 -12.12
N ASN A 60 21.67 0.90 -11.70
CA ASN A 60 22.98 0.99 -12.34
C ASN A 60 24.07 0.17 -11.66
N GLU A 61 23.72 -0.74 -10.76
CA GLU A 61 24.72 -1.49 -10.01
C GLU A 61 24.56 -3.02 -10.10
N GLN A 66 25.19 -2.76 -3.77
CA GLN A 66 23.93 -2.20 -3.26
C GLN A 66 24.03 -1.87 -1.77
N CYS A 67 23.59 -0.68 -1.43
CA CYS A 67 23.63 -0.24 -0.03
C CYS A 67 22.58 0.84 0.14
N PRO A 68 21.75 0.78 1.17
CA PRO A 68 20.83 1.89 1.43
C PRO A 68 21.61 3.13 1.80
N ILE A 69 21.06 4.29 1.46
CA ILE A 69 21.66 5.56 1.86
C ILE A 69 21.20 6.04 3.23
N VAL A 70 20.11 5.48 3.76
CA VAL A 70 19.58 5.78 5.10
C VAL A 70 19.01 4.51 5.70
N GLU A 71 19.22 4.33 7.00
CA GLU A 71 18.59 3.25 7.76
C GLU A 71 18.10 3.81 9.08
N MET A 72 16.83 3.57 9.40
CA MET A 72 16.24 4.05 10.63
C MET A 72 15.67 2.84 11.36
N SER A 73 16.16 2.63 12.58
CA SER A 73 15.70 1.52 13.39
C SER A 73 14.41 1.90 14.07
N THR A 74 13.52 0.93 14.22
CA THR A 74 12.25 1.16 14.88
C THR A 74 12.11 0.21 16.06
N ARG A 75 11.20 0.58 16.96
CA ARG A 75 10.87 -0.26 18.10
C ARG A 75 10.01 -1.46 17.70
N SER A 76 9.19 -1.34 16.64
CA SER A 76 8.22 -2.37 16.31
C SER A 76 8.28 -2.69 14.82
N LYS A 77 7.73 -3.86 14.50
CA LYS A 77 7.62 -4.28 13.11
C LYS A 77 6.69 -3.33 12.38
N LEU A 78 6.97 -3.13 11.09
CA LEU A 78 6.34 -2.10 10.29
C LEU A 78 5.35 -2.70 9.31
N SER A 79 4.17 -2.08 9.24
CA SER A 79 3.14 -2.53 8.33
C SER A 79 3.04 -1.70 7.06
N CYS A 80 3.39 -0.42 7.10
CA CYS A 80 3.10 0.46 5.97
C CYS A 80 4.00 1.68 6.03
N LEU A 81 4.34 2.20 4.84
CA LEU A 81 5.06 3.46 4.69
C LEU A 81 4.31 4.39 3.76
N SER A 82 4.49 5.70 3.96
CA SER A 82 3.93 6.68 3.03
C SER A 82 4.78 7.94 3.08
N TRP A 83 5.33 8.31 1.93
CA TRP A 83 6.14 9.51 1.86
C TRP A 83 5.26 10.77 1.82
N ASN A 84 5.77 11.83 2.42
CA ASN A 84 5.14 13.13 2.31
C ASN A 84 5.29 13.67 0.88
N LYS A 85 4.20 14.23 0.36
CA LYS A 85 4.15 14.71 -1.01
C LYS A 85 4.69 16.12 -1.19
N HIS A 86 4.93 16.85 -0.11
CA HIS A 86 5.49 18.19 -0.24
C HIS A 86 6.84 18.31 0.44
N GLU A 87 6.95 17.86 1.69
CA GLU A 87 8.24 17.76 2.40
C GLU A 87 8.87 16.45 1.99
N LYS A 88 9.67 16.50 0.92
CA LYS A 88 10.08 15.29 0.23
C LYS A 88 10.89 14.35 1.10
N ASN A 89 11.54 14.87 2.13
CA ASN A 89 12.39 14.07 3.00
C ASN A 89 11.66 13.53 4.23
N HIS A 90 10.35 13.62 4.27
CA HIS A 90 9.55 13.10 5.38
C HIS A 90 8.79 11.86 4.94
N ILE A 91 8.75 10.85 5.80
CA ILE A 91 8.06 9.59 5.52
C ILE A 91 7.32 9.15 6.79
N ALA A 92 6.10 8.67 6.63
CA ALA A 92 5.33 8.12 7.74
C ALA A 92 5.40 6.59 7.72
N SER A 93 5.32 6.00 8.91
CA SER A 93 5.20 4.56 9.06
C SER A 93 4.09 4.23 10.05
N SER A 94 3.49 3.06 9.86
CA SER A 94 2.59 2.45 10.83
C SER A 94 3.22 1.16 11.30
N ASP A 95 3.02 0.83 12.58
CA ASP A 95 3.72 -0.32 13.15
C ASP A 95 2.79 -1.19 14.00
N TYR A 96 3.28 -2.38 14.31
CA TYR A 96 2.50 -3.42 14.96
C TYR A 96 2.18 -3.10 16.41
N GLU A 97 2.80 -2.07 16.96
CA GLU A 97 2.45 -1.54 18.26
C GLU A 97 1.25 -0.60 18.19
N GLY A 98 0.94 -0.08 17.01
CA GLY A 98 -0.13 0.89 16.86
C GLY A 98 0.34 2.30 16.59
N ILE A 99 1.65 2.51 16.63
CA ILE A 99 2.22 3.83 16.58
C ILE A 99 2.34 4.26 15.13
N VAL A 100 1.97 5.50 14.87
CA VAL A 100 2.12 6.13 13.58
C VAL A 100 3.19 7.18 13.73
N THR A 101 4.30 7.00 13.02
CA THR A 101 5.48 7.84 13.14
C THR A 101 5.76 8.58 11.83
N VAL A 102 6.10 9.85 11.94
CA VAL A 102 6.61 10.63 10.83
C VAL A 102 8.11 10.82 11.05
N TRP A 103 8.90 10.52 10.04
CA TRP A 103 10.36 10.49 10.14
C TRP A 103 10.95 11.51 9.19
N ASP A 104 12.10 12.03 9.58
CA ASP A 104 12.91 12.86 8.70
C ASP A 104 14.07 12.00 8.22
N VAL A 105 14.08 11.63 6.94
CA VAL A 105 15.12 10.71 6.46
C VAL A 105 16.49 11.41 6.33
N THR A 106 16.54 12.74 6.41
CA THR A 106 17.81 13.45 6.45
C THR A 106 18.47 13.32 7.81
N THR A 107 17.73 13.57 8.88
CA THR A 107 18.28 13.51 10.22
C THR A 107 18.11 12.16 10.88
N ARG A 108 17.31 11.26 10.29
CA ARG A 108 16.94 9.97 10.87
C ARG A 108 16.08 10.09 12.14
N GLN A 109 15.62 11.27 12.48
CA GLN A 109 14.85 11.44 13.71
C GLN A 109 13.36 11.28 13.44
N SER A 110 12.65 10.76 14.44
CA SER A 110 11.19 10.80 14.40
C SER A 110 10.78 12.22 14.71
N LEU A 111 9.90 12.75 13.87
CA LEU A 111 9.34 14.09 14.03
C LEU A 111 8.05 14.09 14.84
N MET A 112 7.19 13.09 14.66
CA MET A 112 5.94 12.92 15.38
C MET A 112 5.81 11.43 15.71
N GLU A 113 5.36 11.14 16.91
CA GLU A 113 5.00 9.77 17.26
C GLU A 113 3.56 9.83 17.78
N TYR A 114 2.65 9.36 16.95
CA TYR A 114 1.23 9.39 17.27
C TYR A 114 0.83 8.05 17.88
N GLU A 115 0.29 8.08 19.10
CA GLU A 115 0.19 6.87 19.89
C GLU A 115 -1.22 6.57 20.38
N GLU A 116 -2.24 7.07 19.69
CA GLU A 116 -3.59 6.87 20.15
C GLU A 116 -4.14 5.49 19.84
N HIS A 117 -3.71 4.85 18.73
CA HIS A 117 -4.26 3.54 18.41
C HIS A 117 -3.87 2.54 19.50
N GLU A 118 -4.82 1.69 19.87
CA GLU A 118 -4.65 0.72 20.95
C GLU A 118 -4.29 -0.66 20.46
N LYS A 119 -4.08 -0.83 19.15
CA LYS A 119 -3.66 -2.08 18.57
C LYS A 119 -2.92 -1.74 17.28
N ARG A 120 -2.32 -2.77 16.68
CA ARG A 120 -1.52 -2.59 15.50
C ARG A 120 -2.24 -1.73 14.46
N ALA A 121 -1.48 -0.83 13.87
CA ALA A 121 -1.95 -0.01 12.77
C ALA A 121 -1.46 -0.67 11.50
N TRP A 122 -2.38 -0.91 10.58
CA TRP A 122 -2.05 -1.62 9.35
C TRP A 122 -1.65 -0.71 8.22
N SER A 123 -2.00 0.57 8.28
CA SER A 123 -1.93 1.43 7.11
C SER A 123 -1.73 2.87 7.56
N VAL A 124 -0.95 3.62 6.78
CA VAL A 124 -0.85 5.08 6.90
C VAL A 124 -0.75 5.67 5.50
N ASP A 125 -1.37 6.82 5.30
CA ASP A 125 -1.33 7.49 3.99
C ASP A 125 -1.26 9.00 4.18
N PHE A 126 -0.24 9.61 3.57
CA PHE A 126 -0.14 11.07 3.46
C PHE A 126 -0.97 11.59 2.28
N SER A 127 -1.74 12.64 2.51
CA SER A 127 -2.51 13.27 1.45
C SER A 127 -1.60 13.97 0.44
N ARG A 128 -1.97 13.84 -0.84
CA ARG A 128 -1.30 14.56 -1.93
C ARG A 128 -1.69 16.03 -1.95
N THR A 129 -2.93 16.36 -1.63
CA THR A 129 -3.39 17.73 -1.86
C THR A 129 -3.33 18.62 -0.62
N GLU A 130 -3.35 18.03 0.58
CA GLU A 130 -3.13 18.74 1.84
C GLU A 130 -1.99 17.98 2.54
N PRO A 131 -0.76 18.27 2.16
CA PRO A 131 0.35 17.34 2.47
C PRO A 131 0.67 17.19 3.94
N SER A 132 0.21 18.10 4.82
CA SER A 132 0.40 17.91 6.26
C SER A 132 -0.61 16.94 6.86
N MET A 133 -1.56 16.43 6.09
CA MET A 133 -2.57 15.53 6.60
C MET A 133 -2.20 14.09 6.30
N LEU A 134 -2.40 13.22 7.28
CA LEU A 134 -2.17 11.80 7.10
C LEU A 134 -3.24 11.02 7.86
N VAL A 135 -3.54 9.83 7.36
CA VAL A 135 -4.64 9.03 7.88
C VAL A 135 -4.09 7.65 8.17
N SER A 136 -4.62 7.02 9.21
CA SER A 136 -4.18 5.68 9.60
C SER A 136 -5.40 4.82 9.97
N GLY A 137 -5.21 3.50 9.89
CA GLY A 137 -6.24 2.56 10.26
C GLY A 137 -5.67 1.39 11.04
N SER A 138 -6.50 0.79 11.91
CA SER A 138 -5.98 -0.12 12.92
C SER A 138 -6.93 -1.28 13.22
N ASP A 139 -6.34 -2.34 13.81
CA ASP A 139 -7.10 -3.42 14.39
C ASP A 139 -8.00 -2.96 15.52
N ASP A 140 -7.74 -1.75 16.07
CA ASP A 140 -8.63 -1.20 17.09
C ASP A 140 -9.93 -0.67 16.52
N CYS A 141 -10.16 -0.84 15.21
CA CYS A 141 -11.41 -0.47 14.54
C CYS A 141 -11.60 1.03 14.43
N LYS A 142 -10.54 1.81 14.55
CA LYS A 142 -10.63 3.24 14.36
C LYS A 142 -9.85 3.69 13.14
N VAL A 143 -10.39 4.68 12.44
CA VAL A 143 -9.64 5.50 11.50
C VAL A 143 -9.30 6.81 12.19
N LYS A 144 -8.04 7.21 12.14
CA LYS A 144 -7.56 8.45 12.71
C LYS A 144 -6.92 9.33 11.65
N VAL A 145 -7.32 10.59 11.62
CA VAL A 145 -6.76 11.59 10.75
C VAL A 145 -5.87 12.50 11.59
N TRP A 146 -4.66 12.72 11.10
CA TRP A 146 -3.63 13.46 11.80
C TRP A 146 -3.19 14.65 11.00
N THR A 148 0.34 17.06 10.84
CA THR A 148 1.70 17.04 11.34
C THR A 148 2.04 18.20 12.30
N ARG A 149 1.24 19.25 12.29
CA ARG A 149 1.44 20.38 13.20
C ARG A 149 0.67 20.22 14.52
N GLN A 150 -0.01 19.11 14.72
CA GLN A 150 -0.78 18.89 15.94
C GLN A 150 -0.50 17.50 16.48
N GLU A 151 -0.39 17.41 17.80
CA GLU A 151 -0.08 16.11 18.39
C GLU A 151 -1.27 15.19 18.51
N ALA A 152 -2.49 15.73 18.76
CA ALA A 152 -3.68 14.90 18.87
C ALA A 152 -4.38 14.75 17.52
N SER A 153 -5.05 13.62 17.36
CA SER A 153 -5.75 13.34 16.11
C SER A 153 -6.80 14.42 15.85
N VAL A 154 -7.04 14.68 14.58
CA VAL A 154 -7.98 15.70 14.20
C VAL A 154 -9.36 15.11 14.00
N ILE A 155 -9.44 13.88 13.49
CA ILE A 155 -10.69 13.19 13.29
C ILE A 155 -10.49 11.76 13.73
N ASN A 156 -11.52 11.19 14.33
CA ASN A 156 -11.53 9.80 14.76
C ASN A 156 -12.83 9.20 14.29
N ILE A 157 -12.76 8.10 13.54
CA ILE A 157 -13.93 7.39 13.04
C ILE A 157 -13.94 6.02 13.72
N ASP A 158 -14.94 5.77 14.55
CA ASP A 158 -15.13 4.49 15.24
C ASP A 158 -15.93 3.58 14.32
N MET A 159 -15.31 2.52 13.87
CA MET A 159 -15.96 1.61 12.93
C MET A 159 -16.17 0.28 13.64
N LYS A 160 -16.92 -0.60 12.99
CA LYS A 160 -17.28 -1.85 13.65
C LYS A 160 -16.20 -2.92 13.52
N ALA A 161 -15.33 -2.85 12.53
CA ALA A 161 -14.44 -3.96 12.21
C ALA A 161 -13.02 -3.48 11.98
N ASN A 162 -12.07 -4.43 12.09
CA ASN A 162 -10.66 -4.15 11.85
C ASN A 162 -10.49 -3.41 10.52
N ILE A 163 -9.65 -2.38 10.54
CA ILE A 163 -9.34 -1.63 9.33
C ILE A 163 -7.99 -2.10 8.80
N CYS A 164 -7.97 -2.57 7.56
CA CYS A 164 -6.76 -3.09 6.94
C CYS A 164 -6.02 -2.06 6.12
N VAL A 166 -6.29 2.32 4.62
CA VAL A 166 -6.90 3.63 4.41
C VAL A 166 -6.11 4.38 3.31
N LYS A 167 -6.82 5.12 2.44
CA LYS A 167 -6.17 5.85 1.36
C LYS A 167 -6.95 7.13 1.07
N TYR A 168 -6.22 8.24 0.95
CA TYR A 168 -6.81 9.50 0.52
C TYR A 168 -7.10 9.49 -0.98
N ASN A 169 -8.22 10.08 -1.35
CA ASN A 169 -8.45 10.39 -2.75
C ASN A 169 -7.32 11.27 -3.28
N PRO A 170 -6.82 11.03 -4.50
CA PRO A 170 -5.64 11.78 -4.96
C PRO A 170 -5.94 13.22 -5.26
N GLY A 171 -7.22 13.57 -5.46
CA GLY A 171 -7.64 14.91 -5.85
C GLY A 171 -8.15 15.79 -4.72
N SER A 172 -8.49 15.21 -3.59
CA SER A 172 -9.08 15.97 -2.48
C SER A 172 -8.86 15.24 -1.17
N SER A 173 -8.41 15.97 -0.15
CA SER A 173 -8.23 15.41 1.18
C SER A 173 -9.54 15.26 1.96
N ASN A 174 -10.68 15.58 1.36
CA ASN A 174 -11.95 15.34 2.01
C ASN A 174 -12.45 13.90 1.89
N TYR A 175 -11.89 13.08 1.01
CA TYR A 175 -12.37 11.71 0.82
C TYR A 175 -11.30 10.67 1.12
N ILE A 176 -11.69 9.62 1.86
CA ILE A 176 -10.81 8.49 2.11
C ILE A 176 -11.59 7.21 1.82
N ALA A 177 -10.89 6.23 1.24
CA ALA A 177 -11.37 4.87 1.14
C ALA A 177 -10.81 4.07 2.31
N VAL A 178 -11.66 3.25 2.91
CA VAL A 178 -11.32 2.42 4.06
C VAL A 178 -11.64 0.96 3.72
N GLY A 179 -10.61 0.12 3.67
CA GLY A 179 -10.82 -1.29 3.43
C GLY A 179 -10.90 -2.01 4.76
N SER A 180 -12.00 -2.71 4.98
CA SER A 180 -12.32 -3.25 6.30
C SER A 180 -12.35 -4.78 6.27
N ALA A 181 -12.09 -5.37 7.44
CA ALA A 181 -12.27 -6.81 7.59
C ALA A 181 -13.73 -7.23 7.48
N ASP A 182 -14.67 -6.29 7.53
CA ASP A 182 -16.06 -6.65 7.29
C ASP A 182 -16.36 -6.91 5.83
N HIS A 183 -15.36 -6.96 4.95
CA HIS A 183 -15.47 -7.29 3.54
C HIS A 183 -15.88 -6.09 2.68
N HIS A 184 -16.16 -4.93 3.25
CA HIS A 184 -16.59 -3.77 2.46
C HIS A 184 -15.53 -2.69 2.40
N ILE A 185 -15.67 -1.83 1.38
CA ILE A 185 -14.94 -0.57 1.29
C ILE A 185 -15.86 0.54 1.76
N HIS A 186 -15.42 1.27 2.77
CA HIS A 186 -16.17 2.38 3.31
C HIS A 186 -15.57 3.68 2.79
N TYR A 187 -16.36 4.43 2.03
CA TYR A 187 -15.90 5.64 1.35
C TYR A 187 -16.49 6.82 2.08
N TYR A 188 -15.63 7.56 2.81
CA TYR A 188 -16.05 8.67 3.67
C TYR A 188 -15.72 10.05 3.09
N ASP A 189 -16.66 10.96 3.29
CA ASP A 189 -16.41 12.40 3.23
C ASP A 189 -16.08 12.86 4.65
N LEU A 190 -14.84 13.30 4.85
CA LEU A 190 -14.37 13.62 6.19
C LEU A 190 -15.03 14.87 6.77
N ARG A 191 -15.80 15.62 5.97
CA ARG A 191 -16.57 16.78 6.46
C ARG A 191 -17.87 16.36 7.14
N ASN A 192 -18.29 15.11 6.97
CA ASN A 192 -19.47 14.58 7.67
C ASN A 192 -19.29 13.08 7.80
N ILE A 193 -18.69 12.65 8.91
CA ILE A 193 -18.42 11.23 9.10
C ILE A 193 -19.57 10.48 9.75
N SER A 194 -20.73 11.13 9.94
CA SER A 194 -21.93 10.46 10.45
C SER A 194 -22.19 9.16 9.72
N GLN A 195 -22.18 9.21 8.39
CA GLN A 195 -22.35 8.05 7.53
C GLN A 195 -21.32 8.18 6.43
N PRO A 196 -20.75 7.07 5.96
CA PRO A 196 -19.91 7.15 4.76
C PRO A 196 -20.73 7.64 3.58
N LEU A 197 -20.05 8.19 2.57
CA LEU A 197 -20.74 8.52 1.33
C LEU A 197 -21.35 7.28 0.71
N HIS A 198 -20.63 6.16 0.78
CA HIS A 198 -21.05 4.93 0.14
C HIS A 198 -20.20 3.82 0.72
N VAL A 199 -20.80 2.64 0.83
CA VAL A 199 -20.11 1.44 1.25
C VAL A 199 -20.26 0.46 0.12
N PHE A 200 -19.12 0.01 -0.43
CA PHE A 200 -19.06 -0.81 -1.61
C PHE A 200 -18.94 -2.27 -1.20
N SER A 201 -19.97 -3.06 -1.50
CA SER A 201 -19.96 -4.50 -1.26
C SER A 201 -19.63 -5.24 -2.53
N GLY A 202 -19.02 -6.41 -2.35
CA GLY A 202 -18.71 -7.29 -3.46
C GLY A 202 -17.63 -8.28 -3.12
N HIS A 203 -16.61 -7.85 -2.39
CA HIS A 203 -15.58 -8.78 -1.92
C HIS A 203 -16.20 -9.75 -0.92
N LYS A 204 -15.69 -10.98 -0.93
CA LYS A 204 -16.19 -12.02 -0.02
C LYS A 204 -15.31 -12.21 1.20
N LYS A 205 -14.24 -11.45 1.34
CA LYS A 205 -13.32 -11.57 2.46
C LYS A 205 -12.83 -10.17 2.80
N ALA A 206 -12.01 -10.08 3.83
CA ALA A 206 -11.44 -8.80 4.22
C ALA A 206 -10.84 -8.04 3.03
N VAL A 207 -11.01 -6.73 3.05
CA VAL A 207 -10.41 -5.87 2.03
C VAL A 207 -9.05 -5.42 2.54
N SER A 208 -7.99 -5.94 1.93
CA SER A 208 -6.62 -5.75 2.41
C SER A 208 -5.94 -4.48 1.86
N TYR A 209 -6.36 -3.99 0.69
CA TYR A 209 -5.80 -2.79 0.09
C TYR A 209 -6.88 -1.99 -0.62
N VAL A 210 -6.72 -0.67 -0.58
CA VAL A 210 -7.45 0.26 -1.44
C VAL A 210 -6.48 1.28 -2.01
N LYS A 211 -6.58 1.53 -3.32
CA LYS A 211 -5.67 2.38 -4.06
C LYS A 211 -6.46 3.06 -5.18
N PHE A 212 -6.20 4.33 -5.42
CA PHE A 212 -6.90 5.09 -6.44
C PHE A 212 -6.11 5.11 -7.74
N LEU A 213 -6.78 4.80 -8.85
CA LEU A 213 -6.20 5.02 -10.16
C LEU A 213 -6.32 6.47 -10.62
N SER A 214 -7.35 7.16 -10.13
CA SER A 214 -7.70 8.52 -10.52
C SER A 214 -8.65 9.06 -9.47
N ASN A 215 -9.09 10.31 -9.65
CA ASN A 215 -10.03 10.91 -8.70
C ASN A 215 -11.30 10.07 -8.55
N ASN A 216 -11.73 9.41 -9.62
CA ASN A 216 -13.01 8.71 -9.63
C ASN A 216 -12.91 7.20 -9.67
N GLU A 217 -11.71 6.64 -9.84
CA GLU A 217 -11.54 5.20 -9.99
C GLU A 217 -10.77 4.68 -8.79
N LEU A 218 -11.37 3.71 -8.10
CA LEU A 218 -10.76 3.09 -6.93
C LEU A 218 -10.61 1.60 -7.16
N ALA A 219 -9.45 1.08 -6.80
CA ALA A 219 -9.24 -0.35 -6.82
C ALA A 219 -9.09 -0.87 -5.40
N SER A 220 -9.38 -2.16 -5.25
CA SER A 220 -9.31 -2.85 -3.97
C SER A 220 -8.75 -4.24 -4.19
N ALA A 221 -8.13 -4.78 -3.14
CA ALA A 221 -7.70 -6.17 -3.09
C ALA A 221 -8.27 -6.83 -1.84
N SER A 222 -8.41 -8.14 -1.91
CA SER A 222 -9.11 -8.91 -0.88
C SER A 222 -8.53 -10.31 -0.86
N THR A 223 -8.60 -10.95 0.30
CA THR A 223 -8.21 -12.34 0.43
C THR A 223 -9.28 -13.30 -0.07
N ASP A 224 -10.16 -12.82 -0.94
CA ASP A 224 -10.97 -13.68 -1.78
C ASP A 224 -10.32 -13.92 -3.15
N SER A 225 -9.02 -13.63 -3.28
CA SER A 225 -8.28 -13.81 -4.52
C SER A 225 -8.82 -12.99 -5.69
N THR A 226 -9.38 -11.80 -5.43
CA THR A 226 -9.76 -10.90 -6.51
C THR A 226 -9.23 -9.51 -6.24
N LEU A 227 -9.08 -8.75 -7.33
CA LEU A 227 -9.07 -7.30 -7.27
C LEU A 227 -10.39 -6.82 -7.85
N ARG A 228 -10.83 -5.65 -7.38
CA ARG A 228 -12.04 -5.03 -7.92
C ARG A 228 -11.82 -3.56 -8.20
N LEU A 229 -12.54 -3.07 -9.21
CA LEU A 229 -12.49 -1.68 -9.62
C LEU A 229 -13.87 -1.08 -9.36
N TRP A 230 -13.88 0.14 -8.83
CA TRP A 230 -15.08 0.84 -8.41
C TRP A 230 -15.09 2.27 -8.92
N ASP A 231 -16.28 2.77 -9.21
CA ASP A 231 -16.51 4.15 -9.61
C ASP A 231 -17.01 4.90 -8.38
N VAL A 232 -16.17 5.77 -7.80
CA VAL A 232 -16.54 6.49 -6.59
C VAL A 232 -17.20 7.82 -6.91
N LYS A 233 -17.44 8.13 -8.18
CA LYS A 233 -18.29 9.27 -8.48
C LYS A 233 -19.77 8.88 -8.55
N ASP A 234 -20.07 7.79 -9.24
CA ASP A 234 -21.42 7.28 -9.38
C ASP A 234 -21.71 6.07 -8.49
N ASN A 235 -20.74 5.65 -7.69
CA ASN A 235 -20.93 4.60 -6.69
C ASN A 235 -21.40 3.30 -7.35
N LEU A 236 -20.58 2.82 -8.28
CA LEU A 236 -20.88 1.62 -9.06
C LEU A 236 -19.74 0.62 -9.00
N PRO A 237 -20.04 -0.68 -8.99
CA PRO A 237 -19.02 -1.67 -9.34
C PRO A 237 -18.67 -1.60 -10.82
N VAL A 238 -17.39 -1.78 -11.15
CA VAL A 238 -16.94 -1.72 -12.55
C VAL A 238 -16.47 -3.10 -13.03
N ARG A 239 -15.51 -3.69 -12.33
CA ARG A 239 -14.82 -4.85 -12.87
C ARG A 239 -14.21 -5.66 -11.74
N THR A 240 -14.13 -6.97 -11.94
CA THR A 240 -13.44 -7.87 -11.03
C THR A 240 -12.28 -8.54 -11.75
N PHE A 241 -11.10 -8.56 -11.12
CA PHE A 241 -9.90 -9.13 -11.70
C PHE A 241 -9.53 -10.41 -10.97
N ARG A 242 -9.17 -11.45 -11.74
CA ARG A 242 -8.90 -12.78 -11.22
C ARG A 242 -7.69 -13.41 -11.92
N GLY A 243 -7.00 -14.30 -11.20
CA GLY A 243 -5.87 -15.06 -11.74
C GLY A 243 -4.81 -15.38 -10.70
N HIS A 244 -4.59 -14.45 -9.77
CA HIS A 244 -3.58 -14.59 -8.73
C HIS A 244 -4.19 -15.35 -7.53
N THR A 245 -3.31 -15.80 -6.62
CA THR A 245 -3.73 -16.51 -5.42
C THR A 245 -3.49 -15.61 -4.20
N ASN A 246 -4.56 -15.22 -3.52
CA ASN A 246 -4.42 -14.40 -2.31
C ASN A 246 -5.57 -14.76 -1.37
N GLU A 247 -5.29 -15.71 -0.48
CA GLU A 247 -6.27 -16.19 0.48
C GLU A 247 -5.88 -15.91 1.92
N LYS A 248 -4.68 -15.42 2.17
CA LYS A 248 -4.19 -15.30 3.54
C LYS A 248 -3.43 -14.02 3.82
N ASN A 249 -2.48 -13.68 2.95
CA ASN A 249 -1.47 -12.69 3.27
C ASN A 249 -1.79 -11.32 2.67
N PHE A 250 -1.14 -10.30 3.24
CA PHE A 250 -0.98 -9.00 2.58
C PHE A 250 0.04 -9.18 1.46
N VAL A 251 -0.41 -9.18 0.21
CA VAL A 251 0.50 -9.46 -0.90
C VAL A 251 0.77 -8.24 -1.77
N GLY A 252 0.25 -7.08 -1.39
CA GLY A 252 0.54 -5.87 -2.14
C GLY A 252 -0.46 -5.56 -3.25
N LEU A 253 -0.75 -4.28 -3.38
CA LEU A 253 -1.51 -3.72 -4.49
C LEU A 253 -0.90 -2.38 -4.83
N THR A 254 -0.69 -2.11 -6.12
CA THR A 254 -0.27 -0.81 -6.59
C THR A 254 -0.98 -0.56 -7.91
N VAL A 255 -1.43 0.68 -8.13
CA VAL A 255 -2.16 1.01 -9.34
C VAL A 255 -1.60 2.31 -9.89
N ASN A 256 -1.82 2.52 -11.18
CA ASN A 256 -1.59 3.81 -11.82
C ASN A 256 -2.78 4.06 -12.74
N SER A 257 -2.62 4.98 -13.69
CA SER A 257 -3.76 5.39 -14.52
CA SER A 257 -3.76 5.39 -14.52
C SER A 257 -4.34 4.24 -15.31
N GLU A 258 -3.53 3.23 -15.62
CA GLU A 258 -3.95 2.17 -16.53
C GLU A 258 -3.89 0.77 -15.96
N TYR A 259 -2.98 0.50 -15.03
CA TYR A 259 -2.63 -0.86 -14.63
C TYR A 259 -2.79 -1.05 -13.14
N LEU A 260 -3.12 -2.30 -12.79
CA LEU A 260 -3.09 -2.79 -11.41
C LEU A 260 -2.06 -3.90 -11.33
N ALA A 261 -1.26 -3.87 -10.29
CA ALA A 261 -0.35 -4.98 -9.99
C ALA A 261 -0.54 -5.43 -8.55
N CYS A 262 -0.41 -6.73 -8.33
CA CYS A 262 -0.55 -7.29 -7.01
C CYS A 262 0.32 -8.54 -6.88
N GLY A 263 0.61 -8.89 -5.63
CA GLY A 263 1.32 -10.12 -5.36
C GLY A 263 0.42 -11.34 -5.36
N SER A 264 1.04 -12.47 -5.04
CA SER A 264 0.34 -13.73 -5.01
C SER A 264 1.08 -14.64 -4.05
N GLU A 265 0.34 -15.57 -3.46
CA GLU A 265 0.90 -16.56 -2.56
C GLU A 265 1.56 -17.72 -3.31
N THR A 266 1.80 -17.53 -4.61
CA THR A 266 2.56 -18.43 -5.46
C THR A 266 3.92 -17.85 -5.81
N ASN A 267 4.35 -16.83 -5.09
CA ASN A 267 5.63 -16.16 -5.33
C ASN A 267 5.67 -15.54 -6.72
N GLU A 268 4.52 -15.07 -7.20
CA GLU A 268 4.40 -14.40 -8.48
C GLU A 268 3.81 -13.00 -8.35
N VAL A 269 4.28 -12.10 -9.19
CA VAL A 269 3.66 -10.79 -9.35
C VAL A 269 2.76 -10.83 -10.57
N TYR A 270 1.56 -10.26 -10.44
CA TYR A 270 0.56 -10.21 -11.49
C TYR A 270 0.32 -8.77 -11.90
N VAL A 271 0.12 -8.55 -13.20
CA VAL A 271 -0.24 -7.23 -13.71
C VAL A 271 -1.54 -7.37 -14.52
N TYR A 272 -2.50 -6.49 -14.23
CA TYR A 272 -3.76 -6.39 -14.94
C TYR A 272 -3.88 -5.02 -15.57
N HIS A 273 -4.38 -4.98 -16.80
CA HIS A 273 -4.88 -3.74 -17.37
C HIS A 273 -6.29 -3.52 -16.85
N LYS A 274 -6.59 -2.27 -16.48
CA LYS A 274 -7.86 -2.01 -15.80
C LYS A 274 -9.07 -2.39 -16.64
N GLU A 275 -8.92 -2.55 -17.96
CA GLU A 275 -10.06 -2.91 -18.81
C GLU A 275 -10.18 -4.42 -19.04
N ILE A 276 -9.26 -5.23 -18.51
CA ILE A 276 -9.21 -6.64 -18.84
C ILE A 276 -9.17 -7.45 -17.55
N THR A 277 -10.06 -8.45 -17.44
CA THR A 277 -10.25 -9.11 -16.16
C THR A 277 -9.19 -10.16 -15.84
N ARG A 278 -8.48 -10.67 -16.83
CA ARG A 278 -7.43 -11.63 -16.55
C ARG A 278 -6.05 -11.03 -16.84
N PRO A 279 -4.99 -11.52 -16.19
CA PRO A 279 -3.70 -10.82 -16.23
C PRO A 279 -3.15 -10.61 -17.63
N VAL A 280 -2.51 -9.46 -17.84
CA VAL A 280 -1.79 -9.32 -19.10
C VAL A 280 -0.41 -9.97 -18.99
N THR A 281 0.17 -10.02 -17.79
CA THR A 281 1.40 -10.77 -17.58
C THR A 281 1.60 -11.05 -16.09
N SER A 282 2.65 -11.82 -15.81
CA SER A 282 3.00 -12.27 -14.48
C SER A 282 4.47 -12.61 -14.50
N HIS A 283 5.09 -12.61 -13.31
CA HIS A 283 6.49 -12.98 -13.16
C HIS A 283 6.66 -13.79 -11.89
N ARG A 284 7.34 -14.94 -12.00
CA ARG A 284 7.69 -15.75 -10.83
C ARG A 284 9.04 -15.30 -10.28
N PHE A 285 9.10 -15.04 -8.98
CA PHE A 285 10.38 -14.69 -8.35
C PHE A 285 11.33 -15.88 -8.45
N GLU A 294 13.85 -28.06 -4.40
CA GLU A 294 13.65 -26.75 -3.79
C GLU A 294 12.25 -26.63 -3.18
N GLU A 295 11.87 -25.41 -2.82
CA GLU A 295 10.57 -25.15 -2.20
C GLU A 295 9.52 -24.84 -3.28
N GLU A 296 8.31 -25.36 -3.06
CA GLU A 296 7.14 -25.03 -3.86
C GLU A 296 6.95 -23.53 -4.05
N ALA A 297 6.26 -23.14 -5.13
CA ALA A 297 5.89 -21.74 -5.29
C ALA A 297 5.09 -21.25 -4.09
N GLY A 298 4.19 -22.10 -3.57
CA GLY A 298 3.26 -21.70 -2.52
C GLY A 298 3.89 -21.37 -1.18
N SER A 299 5.22 -21.54 -1.04
CA SER A 299 5.93 -21.30 0.21
C SER A 299 6.39 -19.86 0.40
N TYR A 300 6.47 -19.08 -0.67
CA TYR A 300 6.88 -17.70 -0.60
C TYR A 300 5.75 -16.88 -1.19
N PHE A 301 5.64 -15.64 -0.76
CA PHE A 301 4.63 -14.78 -1.34
C PHE A 301 5.26 -13.43 -1.65
N ILE A 302 4.74 -12.80 -2.68
CA ILE A 302 5.03 -11.40 -2.91
C ILE A 302 4.38 -10.60 -1.81
N SER A 303 5.11 -9.67 -1.23
CA SER A 303 4.64 -8.96 -0.05
C SER A 303 4.47 -7.46 -0.25
N ALA A 304 5.03 -6.88 -1.30
CA ALA A 304 4.92 -5.44 -1.50
C ALA A 304 5.19 -5.13 -2.96
N VAL A 305 4.44 -4.18 -3.51
CA VAL A 305 4.61 -3.76 -4.91
C VAL A 305 4.38 -2.26 -5.00
N CYS A 306 5.05 -1.61 -5.96
CA CYS A 306 4.89 -0.16 -6.14
C CYS A 306 5.25 0.25 -7.56
N TRP A 307 4.27 0.73 -8.34
CA TRP A 307 4.59 1.34 -9.63
C TRP A 307 5.46 2.58 -9.44
N LYS A 308 6.36 2.81 -10.40
CA LYS A 308 7.00 4.11 -10.59
C LYS A 308 6.04 5.01 -11.39
N SER A 309 5.12 5.64 -10.66
CA SER A 309 4.05 6.52 -11.23
C SER A 309 3.38 5.81 -12.42
N ASP A 310 3.18 6.49 -13.56
CA ASP A 310 2.45 5.93 -14.70
C ASP A 310 3.35 5.18 -15.66
N SER A 311 4.56 4.85 -15.27
CA SER A 311 5.49 4.16 -16.15
C SER A 311 5.31 2.65 -16.03
N PRO A 312 5.90 1.89 -16.94
CA PRO A 312 5.90 0.43 -16.85
C PRO A 312 6.91 -0.15 -15.87
N THR A 313 7.60 0.67 -15.10
CA THR A 313 8.54 0.19 -14.10
C THR A 313 7.86 0.06 -12.75
N MET A 314 8.22 -0.99 -12.02
CA MET A 314 7.67 -1.20 -10.69
C MET A 314 8.73 -1.81 -9.78
N LEU A 315 8.59 -1.54 -8.48
CA LEU A 315 9.36 -2.19 -7.44
C LEU A 315 8.53 -3.33 -6.88
N THR A 316 9.20 -4.41 -6.51
CA THR A 316 8.53 -5.55 -5.91
C THR A 316 9.43 -6.14 -4.83
N ALA A 317 8.81 -6.75 -3.82
CA ALA A 317 9.52 -7.46 -2.76
C ALA A 317 8.72 -8.68 -2.35
N ASN A 318 9.42 -9.69 -1.83
CA ASN A 318 8.74 -10.92 -1.45
C ASN A 318 9.12 -11.28 -0.03
N SER A 319 8.58 -12.43 0.43
CA SER A 319 8.64 -12.80 1.85
C SER A 319 10.01 -13.31 2.29
N GLN A 320 10.95 -13.45 1.38
CA GLN A 320 12.35 -13.66 1.73
C GLN A 320 13.11 -12.37 1.92
N GLY A 321 12.53 -11.24 1.52
CA GLY A 321 13.21 -9.98 1.58
C GLY A 321 13.93 -9.59 0.32
N THR A 322 13.82 -10.36 -0.75
CA THR A 322 14.41 -9.99 -2.02
C THR A 322 13.58 -8.88 -2.68
N ILE A 323 14.27 -7.88 -3.22
CA ILE A 323 13.64 -6.77 -3.93
C ILE A 323 14.05 -6.86 -5.39
N LYS A 324 13.07 -6.73 -6.28
CA LYS A 324 13.34 -6.69 -7.71
C LYS A 324 12.69 -5.46 -8.32
N VAL A 325 13.41 -4.83 -9.25
CA VAL A 325 12.84 -3.81 -10.13
C VAL A 325 12.42 -4.52 -11.42
N LEU A 326 11.15 -4.38 -11.77
CA LEU A 326 10.56 -5.06 -12.91
C LEU A 326 10.09 -4.01 -13.90
N VAL A 327 10.05 -4.37 -15.18
CA VAL A 327 9.56 -3.46 -16.21
C VAL A 327 8.69 -4.25 -17.19
N LEU A 328 7.48 -3.75 -17.45
CA LEU A 328 6.64 -4.32 -18.50
C LEU A 328 7.35 -4.19 -19.83
N ALA A 329 7.30 -5.28 -20.61
CA ALA A 329 7.98 -5.31 -21.90
C ALA A 329 7.15 -6.13 -22.90
N ALA A 330 7.41 -5.92 -24.19
CA ALA A 330 6.69 -6.60 -25.27
C ALA A 330 6.93 -8.11 -25.22
N GLY B 2 1.35 -14.73 11.43
CA GLY B 2 1.11 -13.48 12.15
C GLY B 2 1.48 -12.26 11.33
N PHE B 3 2.78 -12.07 11.10
CA PHE B 3 3.22 -10.91 10.32
C PHE B 3 2.74 -11.07 8.88
N GLY B 4 2.14 -10.01 8.34
CA GLY B 4 1.71 -10.02 6.96
C GLY B 4 0.52 -10.90 6.70
N VAL B 5 -0.23 -11.25 7.74
CA VAL B 5 -1.45 -12.04 7.62
C VAL B 5 -2.65 -11.11 7.79
N VAL B 6 -3.57 -11.16 6.83
CA VAL B 6 -4.71 -10.24 6.83
C VAL B 6 -5.66 -10.63 7.97
N PRO B 7 -6.22 -9.67 8.72
CA PRO B 7 -7.10 -10.01 9.85
C PRO B 7 -8.41 -10.67 9.44
N SER B 8 -9.14 -11.07 10.49
CA SER B 8 -10.54 -11.44 10.42
C SER B 8 -11.32 -10.70 11.51
N PHE B 9 -12.59 -10.41 11.20
CA PHE B 9 -13.54 -9.81 12.13
C PHE B 9 -13.07 -9.78 13.60
#